data_5OJW
#
_entry.id   5OJW
#
_cell.length_a   36.425
_cell.length_b   66.281
_cell.length_c   126.614
_cell.angle_alpha   90.00
_cell.angle_beta   90.00
_cell.angle_gamma   90.00
#
_symmetry.space_group_name_H-M   'P 21 21 21'
#
loop_
_entity.id
_entity.type
_entity.pdbx_description
1 polymer 'Ubiquitin-conjugating enzyme E2 13'
2 polymer 'Ubiquitin-conjugating enzyme variant MMS2'
3 water water
#
loop_
_entity_poly.entity_id
_entity_poly.type
_entity_poly.pdbx_seq_one_letter_code
_entity_poly.pdbx_strand_id
1 'polypeptide(L)'
;MASLPKRIIKETEKLVSDPVPGITAEPHDDNLRYFQVTIEGPEQSPYEDGIFELELYLPDDYPMEAPKVRFLTKIYHPNI
DRLGRICLDVLKTNWSPALQIRTVLLSIQALLASPNPNDPLANDVAEDWIKNEQGAKAKAREWTKLYAKKKP
;
A
2 'polypeptide(L)'
;MSKVPRNFRLLEELEKGEKGFGPESCSYGLADSDDITMTKWNGTILGPPHSNHENRIYSLSIDCGPNYPDSPPKVTFISK
INLPCVNPTTGEVQTDFHTLRDWKRAYTMETLLLDLRKEMATPANKKLRQPKEGETF
;
B
#
# COMPACT_ATOMS: atom_id res chain seq x y z
N MET A 1 -11.58 -18.49 11.92
CA MET A 1 -11.77 -19.63 12.79
C MET A 1 -13.26 -19.89 13.04
N ALA A 2 -14.11 -19.37 12.17
CA ALA A 2 -15.55 -19.40 12.41
C ALA A 2 -16.26 -18.83 11.19
N SER A 3 -17.60 -18.81 11.27
CA SER A 3 -18.42 -18.16 10.25
C SER A 3 -18.41 -16.65 10.45
N LEU A 4 -18.86 -15.93 9.44
CA LEU A 4 -18.79 -14.47 9.47
C LEU A 4 -19.68 -13.93 10.58
N PRO A 5 -19.20 -13.02 11.41
CA PRO A 5 -20.06 -12.47 12.47
C PRO A 5 -21.36 -11.92 11.91
N LYS A 6 -22.46 -12.21 12.63
CA LYS A 6 -23.77 -11.71 12.23
C LYS A 6 -23.76 -10.21 12.07
N ARG A 7 -23.02 -9.51 12.94
CA ARG A 7 -22.92 -8.04 12.86
C ARG A 7 -22.52 -7.61 11.45
N ILE A 8 -21.52 -8.30 10.88
CA ILE A 8 -21.05 -7.94 9.55
C ILE A 8 -22.06 -8.36 8.50
N ILE A 9 -22.66 -9.53 8.66
CA ILE A 9 -23.67 -9.96 7.69
C ILE A 9 -24.80 -8.93 7.59
N LYS A 10 -25.35 -8.51 8.73
CA LYS A 10 -26.45 -7.54 8.70
C LYS A 10 -26.03 -6.20 8.13
N GLU A 11 -24.87 -5.67 8.55
CA GLU A 11 -24.42 -4.42 7.94
C GLU A 11 -24.31 -4.56 6.43
N THR A 12 -23.76 -5.69 5.97
CA THR A 12 -23.57 -5.91 4.55
C THR A 12 -24.92 -5.86 3.82
N GLU A 13 -25.92 -6.56 4.35
CA GLU A 13 -27.25 -6.61 3.75
C GLU A 13 -27.85 -5.20 3.68
N LYS A 14 -27.77 -4.45 4.78
N LYS A 14 -27.76 -4.45 4.79
CA LYS A 14 -28.37 -3.12 4.83
CA LYS A 14 -28.37 -3.12 4.82
C LYS A 14 -27.66 -2.12 3.94
C LYS A 14 -27.66 -2.13 3.90
N LEU A 15 -26.37 -2.35 3.61
CA LEU A 15 -25.72 -1.45 2.67
C LEU A 15 -26.33 -1.56 1.29
N VAL A 16 -27.03 -2.65 1.01
CA VAL A 16 -27.72 -2.80 -0.27
C VAL A 16 -29.20 -2.44 -0.15
N SER A 17 -29.87 -2.93 0.88
CA SER A 17 -31.31 -2.71 1.01
C SER A 17 -31.61 -1.27 1.37
N ASP A 18 -30.80 -0.67 2.23
CA ASP A 18 -30.98 0.68 2.75
C ASP A 18 -29.69 1.46 2.48
N PRO A 19 -29.38 1.70 1.20
CA PRO A 19 -28.11 2.32 0.85
C PRO A 19 -28.05 3.76 1.32
N VAL A 20 -26.82 4.25 1.49
CA VAL A 20 -26.61 5.64 1.81
C VAL A 20 -26.46 6.38 0.48
N PRO A 21 -26.88 7.64 0.42
CA PRO A 21 -26.99 8.32 -0.87
C PRO A 21 -25.62 8.52 -1.49
N GLY A 22 -25.56 8.24 -2.77
CA GLY A 22 -24.36 8.40 -3.54
C GLY A 22 -23.27 7.42 -3.22
N ILE A 23 -23.55 6.36 -2.45
CA ILE A 23 -22.53 5.42 -2.01
C ILE A 23 -22.98 3.98 -2.27
N THR A 24 -22.05 3.16 -2.74
CA THR A 24 -22.26 1.73 -2.89
C THR A 24 -21.14 0.98 -2.19
N ALA A 25 -21.49 -0.20 -1.67
CA ALA A 25 -20.54 -1.03 -0.95
C ALA A 25 -21.00 -2.48 -1.02
N GLU A 26 -20.13 -3.35 -1.51
CA GLU A 26 -20.46 -4.78 -1.59
C GLU A 26 -19.19 -5.58 -1.46
N PRO A 27 -19.21 -6.72 -0.79
CA PRO A 27 -18.00 -7.51 -0.59
C PRO A 27 -17.61 -8.23 -1.87
N HIS A 28 -16.33 -8.57 -1.96
CA HIS A 28 -15.86 -9.52 -2.96
C HIS A 28 -16.47 -10.88 -2.66
N ASP A 29 -16.89 -11.58 -3.73
CA ASP A 29 -17.49 -12.90 -3.57
C ASP A 29 -16.58 -13.86 -2.83
N ASP A 30 -15.26 -13.72 -2.99
CA ASP A 30 -14.33 -14.67 -2.38
C ASP A 30 -13.73 -14.14 -1.09
N ASN A 31 -14.15 -12.96 -0.60
CA ASN A 31 -13.65 -12.46 0.67
C ASN A 31 -14.68 -11.49 1.25
N LEU A 32 -15.47 -11.95 2.21
CA LEU A 32 -16.62 -11.19 2.66
C LEU A 32 -16.28 -10.08 3.64
N ARG A 33 -15.04 -9.96 4.07
CA ARG A 33 -14.54 -8.82 4.83
C ARG A 33 -13.95 -7.72 3.95
N TYR A 34 -13.89 -7.92 2.64
CA TYR A 34 -13.22 -7.04 1.67
C TYR A 34 -14.24 -6.42 0.72
N PHE A 35 -14.42 -5.11 0.79
CA PHE A 35 -15.50 -4.42 0.10
C PHE A 35 -14.99 -3.53 -1.04
N GLN A 36 -15.65 -3.64 -2.19
N GLN A 36 -15.63 -3.62 -2.20
CA GLN A 36 -15.57 -2.65 -3.25
CA GLN A 36 -15.47 -2.61 -3.23
C GLN A 36 -16.55 -1.53 -2.93
C GLN A 36 -16.53 -1.54 -2.99
N VAL A 37 -16.08 -0.29 -2.95
CA VAL A 37 -16.89 0.84 -2.58
C VAL A 37 -16.85 1.88 -3.69
N THR A 38 -17.96 2.58 -3.92
CA THR A 38 -17.89 3.79 -4.73
C THR A 38 -18.55 4.92 -3.95
N ILE A 39 -18.00 6.12 -4.11
CA ILE A 39 -18.55 7.35 -3.54
C ILE A 39 -18.65 8.41 -4.63
N GLU A 40 -19.83 8.95 -4.83
CA GLU A 40 -19.99 10.06 -5.76
C GLU A 40 -19.37 11.32 -5.19
N GLY A 41 -18.71 12.09 -6.06
CA GLY A 41 -18.23 13.38 -5.63
C GLY A 41 -19.41 14.24 -5.21
N PRO A 42 -19.31 14.95 -4.10
CA PRO A 42 -20.44 15.78 -3.67
C PRO A 42 -20.67 16.94 -4.62
N GLU A 43 -21.96 17.29 -4.78
CA GLU A 43 -22.33 18.45 -5.59
C GLU A 43 -21.73 19.72 -5.02
N GLN A 44 -21.35 20.62 -5.93
CA GLN A 44 -20.74 21.90 -5.56
C GLN A 44 -19.38 21.68 -4.91
N SER A 45 -18.72 20.60 -5.29
CA SER A 45 -17.33 20.43 -4.92
C SER A 45 -16.52 20.27 -6.21
N PRO A 46 -15.20 20.35 -6.13
CA PRO A 46 -14.38 20.06 -7.32
C PRO A 46 -14.56 18.65 -7.84
N TYR A 47 -15.03 17.72 -7.00
CA TYR A 47 -15.18 16.31 -7.34
C TYR A 47 -16.54 15.97 -7.93
N GLU A 48 -17.41 16.95 -8.13
CA GLU A 48 -18.83 16.71 -8.34
C GLU A 48 -19.14 15.94 -9.61
N ASP A 49 -18.27 15.96 -10.61
CA ASP A 49 -18.57 15.24 -11.84
C ASP A 49 -18.15 13.78 -11.81
N GLY A 50 -17.53 13.31 -10.72
CA GLY A 50 -16.94 11.99 -10.72
C GLY A 50 -17.54 11.01 -9.73
N ILE A 51 -17.27 9.73 -9.98
CA ILE A 51 -17.54 8.64 -9.06
C ILE A 51 -16.19 8.01 -8.71
N PHE A 52 -15.93 7.86 -7.43
CA PHE A 52 -14.62 7.45 -6.96
C PHE A 52 -14.68 6.02 -6.43
N GLU A 53 -13.66 5.23 -6.77
CA GLU A 53 -13.56 3.86 -6.31
CA GLU A 53 -13.55 3.86 -6.31
C GLU A 53 -12.72 3.80 -5.04
N LEU A 54 -13.18 3.00 -4.07
CA LEU A 54 -12.49 2.81 -2.82
C LEU A 54 -12.52 1.32 -2.50
N GLU A 55 -11.70 0.92 -1.54
CA GLU A 55 -11.74 -0.46 -1.05
C GLU A 55 -11.67 -0.41 0.47
N LEU A 56 -12.35 -1.35 1.10
CA LEU A 56 -12.46 -1.35 2.55
C LEU A 56 -12.25 -2.75 3.06
N TYR A 57 -11.65 -2.87 4.23
CA TYR A 57 -11.45 -4.19 4.84
C TYR A 57 -11.83 -4.17 6.31
N LEU A 58 -12.50 -5.23 6.73
CA LEU A 58 -12.93 -5.39 8.11
C LEU A 58 -11.95 -6.29 8.85
N PRO A 59 -11.13 -5.75 9.76
CA PRO A 59 -10.23 -6.61 10.54
C PRO A 59 -10.98 -7.61 11.39
N ASP A 60 -10.24 -8.59 11.88
CA ASP A 60 -10.86 -9.69 12.62
C ASP A 60 -11.61 -9.21 13.86
N ASP A 61 -11.17 -8.14 14.49
CA ASP A 61 -11.79 -7.67 15.72
C ASP A 61 -12.87 -6.63 15.48
N TYR A 62 -13.22 -6.36 14.23
CA TYR A 62 -14.37 -5.49 13.95
C TYR A 62 -15.60 -6.08 14.63
N PRO A 63 -16.42 -5.26 15.31
CA PRO A 63 -16.49 -3.80 15.29
C PRO A 63 -15.76 -3.12 16.42
N MET A 64 -14.96 -3.88 17.19
CA MET A 64 -14.19 -3.23 18.24
C MET A 64 -13.02 -2.46 17.67
N GLU A 65 -12.61 -2.82 16.46
CA GLU A 65 -11.56 -2.18 15.70
C GLU A 65 -12.16 -1.57 14.44
N ALA A 66 -11.64 -0.42 14.04
CA ALA A 66 -12.16 0.32 12.92
C ALA A 66 -11.91 -0.37 11.58
N PRO A 67 -12.79 -0.18 10.61
CA PRO A 67 -12.47 -0.65 9.25
C PRO A 67 -11.22 0.04 8.72
N LYS A 68 -10.62 -0.60 7.72
N LYS A 68 -10.63 -0.58 7.71
CA LYS A 68 -9.54 0.00 6.95
CA LYS A 68 -9.53 0.00 6.96
C LYS A 68 -10.09 0.37 5.59
C LYS A 68 -10.03 0.34 5.58
N VAL A 69 -9.73 1.55 5.10
CA VAL A 69 -10.30 2.04 3.85
C VAL A 69 -9.30 2.97 3.15
N ARG A 70 -9.33 2.94 1.82
CA ARG A 70 -8.55 3.89 1.04
C ARG A 70 -9.10 4.01 -0.37
N PHE A 71 -8.75 5.11 -1.02
CA PHE A 71 -9.16 5.36 -2.39
C PHE A 71 -8.29 4.56 -3.36
N LEU A 72 -8.94 3.94 -4.33
CA LEU A 72 -8.25 3.42 -5.49
C LEU A 72 -8.18 4.44 -6.61
N THR A 73 -9.20 5.27 -6.77
CA THR A 73 -9.13 6.37 -7.73
C THR A 73 -8.10 7.39 -7.27
N LYS A 74 -7.18 7.73 -8.17
CA LYS A 74 -6.26 8.83 -7.92
C LYS A 74 -7.05 10.11 -7.69
N ILE A 75 -6.68 10.86 -6.66
CA ILE A 75 -7.50 12.01 -6.24
C ILE A 75 -6.60 13.07 -5.63
N TYR A 76 -6.93 14.31 -5.93
CA TYR A 76 -6.21 15.51 -5.49
C TYR A 76 -6.94 16.17 -4.33
N HIS A 77 -6.46 15.97 -3.12
CA HIS A 77 -7.18 16.37 -1.92
C HIS A 77 -6.18 16.46 -0.79
N PRO A 78 -6.22 17.50 0.04
CA PRO A 78 -5.17 17.64 1.08
C PRO A 78 -5.19 16.57 2.16
N ASN A 79 -6.30 15.87 2.36
CA ASN A 79 -6.39 14.87 3.41
C ASN A 79 -6.40 13.45 2.86
N ILE A 80 -6.05 13.28 1.59
CA ILE A 80 -5.90 11.99 0.95
C ILE A 80 -4.52 11.94 0.31
N ASP A 81 -3.76 10.88 0.59
CA ASP A 81 -2.40 10.86 0.07
C ASP A 81 -2.32 10.15 -1.28
N ARG A 82 -1.10 10.07 -1.80
CA ARG A 82 -0.90 9.61 -3.16
C ARG A 82 -1.13 8.12 -3.28
N LEU A 83 -1.31 7.42 -2.17
CA LEU A 83 -1.70 6.02 -2.18
C LEU A 83 -3.18 5.80 -1.91
N GLY A 84 -3.92 6.88 -1.72
CA GLY A 84 -5.34 6.81 -1.42
C GLY A 84 -5.65 6.74 0.04
N ARG A 85 -4.67 6.89 0.90
CA ARG A 85 -4.89 6.76 2.32
C ARG A 85 -5.55 8.02 2.84
N ILE A 86 -6.38 7.85 3.85
CA ILE A 86 -7.32 8.89 4.27
C ILE A 86 -7.02 9.21 5.72
N CYS A 87 -7.00 10.48 6.03
CA CYS A 87 -6.83 10.96 7.39
C CYS A 87 -8.23 11.28 7.89
N LEU A 88 -8.73 10.46 8.81
CA LEU A 88 -10.09 10.57 9.33
C LEU A 88 -10.09 10.23 10.80
N ASP A 89 -10.68 11.11 11.63
CA ASP A 89 -10.72 10.88 13.07
C ASP A 89 -11.58 9.66 13.42
N VAL A 90 -12.63 9.42 12.65
CA VAL A 90 -13.53 8.33 12.97
C VAL A 90 -12.85 6.98 12.78
N LEU A 91 -11.74 6.92 12.02
CA LEU A 91 -11.00 5.67 11.78
C LEU A 91 -9.90 5.42 12.78
N LYS A 92 -9.72 6.32 13.73
CA LYS A 92 -8.61 6.24 14.65
C LYS A 92 -9.15 6.46 16.04
N THR A 93 -9.10 7.73 16.44
CA THR A 93 -9.29 8.14 17.81
C THR A 93 -10.77 8.17 18.20
N ASN A 94 -11.67 8.35 17.24
CA ASN A 94 -13.09 8.40 17.55
C ASN A 94 -13.84 7.13 17.14
N TRP A 95 -13.14 6.06 16.81
CA TRP A 95 -13.86 4.84 16.47
C TRP A 95 -14.54 4.24 17.70
N SER A 96 -15.70 3.65 17.46
CA SER A 96 -16.50 3.01 18.49
C SER A 96 -17.32 1.93 17.81
N PRO A 97 -17.61 0.81 18.48
CA PRO A 97 -18.53 -0.17 17.89
C PRO A 97 -19.96 0.35 17.72
N ALA A 98 -20.25 1.53 18.25
CA ALA A 98 -21.50 2.23 17.95
C ALA A 98 -21.57 2.72 16.51
N LEU A 99 -20.43 2.84 15.82
CA LEU A 99 -20.40 3.26 14.44
C LEU A 99 -20.38 2.04 13.52
N GLN A 100 -20.58 2.31 12.23
CA GLN A 100 -20.79 1.29 11.22
C GLN A 100 -19.95 1.59 9.98
N ILE A 101 -19.92 0.64 9.05
CA ILE A 101 -19.31 0.90 7.76
C ILE A 101 -19.91 2.16 7.15
N ARG A 102 -21.24 2.28 7.18
CA ARG A 102 -21.85 3.45 6.54
C ARG A 102 -21.44 4.76 7.21
N THR A 103 -21.18 4.74 8.50
CA THR A 103 -20.60 5.92 9.14
C THR A 103 -19.30 6.34 8.48
N VAL A 104 -18.41 5.37 8.27
CA VAL A 104 -17.10 5.69 7.70
C VAL A 104 -17.27 6.26 6.31
N LEU A 105 -18.14 5.63 5.51
CA LEU A 105 -18.28 6.09 4.14
C LEU A 105 -18.89 7.47 4.07
N LEU A 106 -19.93 7.73 4.88
CA LEU A 106 -20.47 9.09 4.95
C LEU A 106 -19.38 10.08 5.35
N SER A 107 -18.54 9.71 6.30
CA SER A 107 -17.50 10.63 6.75
C SER A 107 -16.48 10.92 5.65
N ILE A 108 -16.16 9.93 4.83
CA ILE A 108 -15.30 10.16 3.66
C ILE A 108 -15.99 11.10 2.69
N GLN A 109 -17.26 10.84 2.41
CA GLN A 109 -18.03 11.73 1.54
C GLN A 109 -18.00 13.17 2.04
N ALA A 110 -18.15 13.38 3.34
CA ALA A 110 -18.12 14.75 3.85
C ALA A 110 -16.73 15.35 3.75
N LEU A 111 -15.70 14.54 3.89
CA LEU A 111 -14.33 15.03 3.72
C LEU A 111 -14.10 15.54 2.31
N LEU A 112 -14.62 14.83 1.31
CA LEU A 112 -14.56 15.35 -0.06
C LEU A 112 -15.22 16.74 -0.14
N ALA A 113 -16.30 16.95 0.61
CA ALA A 113 -17.00 18.22 0.58
C ALA A 113 -16.29 19.31 1.37
N SER A 114 -15.47 18.98 2.37
CA SER A 114 -14.80 20.01 3.18
C SER A 114 -13.34 19.64 3.38
N PRO A 115 -12.51 19.82 2.33
CA PRO A 115 -11.06 19.65 2.51
C PRO A 115 -10.56 20.54 3.62
N ASN A 116 -9.56 20.05 4.34
CA ASN A 116 -8.91 20.80 5.42
C ASN A 116 -7.40 20.83 5.21
N PRO A 117 -6.88 21.83 4.49
CA PRO A 117 -5.43 21.88 4.27
C PRO A 117 -4.64 22.26 5.51
N ASN A 118 -5.29 22.72 6.57
CA ASN A 118 -4.59 23.12 7.78
C ASN A 118 -4.26 21.95 8.70
N ASP A 119 -4.75 20.75 8.40
CA ASP A 119 -4.41 19.55 9.16
C ASP A 119 -4.19 18.45 8.14
N PRO A 120 -3.11 18.55 7.35
CA PRO A 120 -3.03 17.83 6.08
C PRO A 120 -2.32 16.49 6.16
N LEU A 121 -2.66 15.65 5.19
CA LEU A 121 -1.97 14.39 4.95
C LEU A 121 -1.00 14.49 3.79
N ALA A 122 -1.46 15.04 2.66
CA ALA A 122 -0.61 15.34 1.52
C ALA A 122 -0.15 16.78 1.65
N ASN A 123 1.04 16.98 2.21
N ASN A 123 1.04 16.98 2.21
CA ASN A 123 1.49 18.34 2.48
CA ASN A 123 1.48 18.35 2.47
C ASN A 123 1.72 19.14 1.19
C ASN A 123 1.66 19.13 1.18
N ASP A 124 2.09 18.46 0.10
CA ASP A 124 2.25 19.18 -1.17
C ASP A 124 0.91 19.70 -1.65
N VAL A 125 -0.13 18.87 -1.57
CA VAL A 125 -1.46 19.33 -1.99
C VAL A 125 -1.95 20.42 -1.06
N ALA A 126 -1.78 20.23 0.26
CA ALA A 126 -2.19 21.25 1.22
C ALA A 126 -1.52 22.59 0.93
N GLU A 127 -0.20 22.57 0.66
CA GLU A 127 0.51 23.80 0.34
C GLU A 127 -0.12 24.52 -0.84
N ASP A 128 -0.43 23.79 -1.91
N ASP A 128 -0.39 23.78 -1.92
CA ASP A 128 -1.07 24.41 -3.05
CA ASP A 128 -1.07 24.37 -3.07
C ASP A 128 -2.47 24.91 -2.70
C ASP A 128 -2.45 24.92 -2.66
N TRP A 129 -3.19 24.16 -1.85
CA TRP A 129 -4.53 24.61 -1.43
C TRP A 129 -4.45 25.89 -0.64
N ILE A 130 -3.42 26.02 0.18
CA ILE A 130 -3.25 27.21 1.01
C ILE A 130 -2.76 28.41 0.19
N LYS A 131 -1.83 28.22 -0.73
CA LYS A 131 -1.26 29.37 -1.42
C LYS A 131 -1.99 29.71 -2.71
N ASN A 132 -2.81 28.81 -3.23
CA ASN A 132 -3.50 29.03 -4.49
C ASN A 132 -4.78 28.21 -4.52
N GLU A 133 -5.72 28.53 -3.61
CA GLU A 133 -6.88 27.68 -3.42
C GLU A 133 -7.65 27.46 -4.71
N GLN A 134 -7.90 28.52 -5.47
CA GLN A 134 -8.67 28.33 -6.70
C GLN A 134 -7.92 27.46 -7.69
N GLY A 135 -6.60 27.61 -7.77
CA GLY A 135 -5.83 26.71 -8.61
C GLY A 135 -5.85 25.26 -8.14
N ALA A 136 -5.83 25.05 -6.83
CA ALA A 136 -5.86 23.69 -6.31
C ALA A 136 -7.21 23.03 -6.61
N LYS A 137 -8.30 23.77 -6.41
CA LYS A 137 -9.63 23.26 -6.73
C LYS A 137 -9.77 22.93 -8.21
N ALA A 138 -9.22 23.78 -9.09
CA ALA A 138 -9.25 23.46 -10.51
C ALA A 138 -8.51 22.16 -10.80
N LYS A 139 -7.33 21.98 -10.18
CA LYS A 139 -6.58 20.75 -10.38
C LYS A 139 -7.36 19.53 -9.87
N ALA A 140 -8.08 19.68 -8.75
CA ALA A 140 -8.90 18.58 -8.26
C ALA A 140 -10.00 18.23 -9.24
N ARG A 141 -10.60 19.25 -9.86
N ARG A 141 -10.59 19.26 -9.85
CA ARG A 141 -11.62 18.99 -10.87
CA ARG A 141 -11.62 19.07 -10.87
C ARG A 141 -11.01 18.38 -12.12
C ARG A 141 -11.03 18.43 -12.12
N GLU A 142 -9.79 18.79 -12.47
CA GLU A 142 -9.13 18.17 -13.62
C GLU A 142 -8.85 16.71 -13.33
N TRP A 143 -8.30 16.43 -12.15
CA TRP A 143 -8.02 15.03 -11.80
C TRP A 143 -9.31 14.21 -11.72
N THR A 144 -10.42 14.83 -11.29
CA THR A 144 -11.68 14.11 -11.32
C THR A 144 -11.98 13.65 -12.74
N LYS A 145 -11.85 14.56 -13.71
CA LYS A 145 -12.08 14.21 -15.11
C LYS A 145 -11.09 13.16 -15.60
N LEU A 146 -9.83 13.28 -15.22
CA LEU A 146 -8.83 12.38 -15.76
C LEU A 146 -8.98 10.97 -15.20
N TYR A 147 -9.26 10.83 -13.90
CA TYR A 147 -9.12 9.54 -13.22
C TYR A 147 -10.40 8.95 -12.66
N ALA A 148 -11.42 9.76 -12.40
CA ALA A 148 -12.65 9.22 -11.84
C ALA A 148 -13.61 8.83 -12.95
N LYS A 149 -14.47 7.87 -12.66
CA LYS A 149 -15.56 7.53 -13.57
C LYS A 149 -16.53 8.70 -13.66
N LYS A 150 -17.05 8.93 -14.86
CA LYS A 150 -17.91 10.06 -15.11
C LYS A 150 -19.33 9.72 -14.67
N LYS A 151 -19.96 10.62 -13.90
CA LYS A 151 -21.39 10.46 -13.61
C LYS A 151 -22.18 10.49 -14.92
N PRO A 152 -23.33 9.81 -14.98
CA PRO A 152 -24.18 9.94 -16.18
C PRO A 152 -24.82 11.32 -16.34
N MET B 1 -10.25 -18.96 5.03
CA MET B 1 -11.06 -18.38 6.09
C MET B 1 -10.95 -16.86 6.16
N SER B 2 -9.92 -16.40 6.83
CA SER B 2 -9.72 -14.99 7.15
C SER B 2 -8.40 -14.50 6.55
N LYS B 3 -8.47 -13.94 5.33
CA LYS B 3 -7.30 -13.63 4.53
C LYS B 3 -7.22 -12.12 4.29
N VAL B 4 -6.12 -11.50 4.69
CA VAL B 4 -5.93 -10.09 4.39
C VAL B 4 -5.58 -9.98 2.90
N PRO B 5 -6.33 -9.24 2.10
CA PRO B 5 -6.04 -9.18 0.66
C PRO B 5 -4.74 -8.40 0.39
N ARG B 6 -4.24 -8.62 -0.82
CA ARG B 6 -2.98 -8.04 -1.30
C ARG B 6 -2.78 -6.58 -0.89
N ASN B 7 -3.73 -5.72 -1.25
CA ASN B 7 -3.51 -4.29 -1.08
C ASN B 7 -3.34 -3.94 0.39
N PHE B 8 -4.11 -4.57 1.26
CA PHE B 8 -3.97 -4.25 2.67
C PHE B 8 -2.79 -4.97 3.31
N ARG B 9 -2.40 -6.11 2.78
CA ARG B 9 -1.12 -6.66 3.20
C ARG B 9 0.02 -5.70 2.85
N LEU B 10 0.00 -5.15 1.64
CA LEU B 10 1.07 -4.23 1.26
C LEU B 10 1.06 -2.99 2.13
N LEU B 11 -0.12 -2.51 2.51
CA LEU B 11 -0.18 -1.37 3.43
C LEU B 11 0.39 -1.71 4.79
N GLU B 12 0.13 -2.93 5.28
CA GLU B 12 0.73 -3.36 6.55
C GLU B 12 2.26 -3.30 6.47
N GLU B 13 2.82 -3.80 5.37
CA GLU B 13 4.28 -3.78 5.20
C GLU B 13 4.79 -2.37 5.10
N LEU B 14 4.04 -1.51 4.41
CA LEU B 14 4.47 -0.12 4.28
C LEU B 14 4.44 0.56 5.64
N GLU B 15 3.34 0.40 6.37
N GLU B 15 3.37 0.38 6.40
CA GLU B 15 3.17 1.04 7.67
CA GLU B 15 3.25 1.15 7.63
C GLU B 15 4.30 0.68 8.60
C GLU B 15 4.21 0.66 8.71
N LYS B 16 4.64 -0.61 8.65
CA LYS B 16 5.64 -1.09 9.62
C LYS B 16 6.93 -0.27 9.53
N GLY B 17 7.42 -0.04 8.31
CA GLY B 17 8.58 0.83 8.16
C GLY B 17 8.31 2.26 8.60
N GLU B 18 7.16 2.81 8.19
CA GLU B 18 6.82 4.19 8.55
C GLU B 18 6.76 4.42 10.05
N LYS B 19 6.49 3.37 10.83
CA LYS B 19 6.43 3.51 12.28
C LYS B 19 7.78 3.26 12.95
N GLY B 20 8.84 3.02 12.19
CA GLY B 20 10.16 2.90 12.77
C GLY B 20 10.54 1.50 13.19
N PHE B 21 9.72 0.51 12.87
CA PHE B 21 10.00 -0.86 13.24
C PHE B 21 10.69 -1.55 12.07
N GLY B 22 11.31 -2.67 12.39
CA GLY B 22 12.00 -3.44 11.38
C GLY B 22 13.47 -3.55 11.71
N PRO B 23 14.15 -4.46 11.02
CA PRO B 23 15.55 -4.75 11.35
C PRO B 23 16.46 -3.61 10.98
N GLU B 24 17.66 -3.64 11.56
CA GLU B 24 18.63 -2.59 11.32
C GLU B 24 19.32 -2.78 9.98
N SER B 25 19.35 -4.00 9.46
CA SER B 25 20.24 -4.40 8.39
C SER B 25 19.62 -4.31 7.01
N CYS B 26 18.31 -4.09 6.94
N CYS B 26 18.32 -4.06 6.92
CA CYS B 26 17.60 -3.99 5.66
CA CYS B 26 17.68 -3.91 5.61
C CYS B 26 16.54 -2.90 5.79
C CYS B 26 16.43 -3.06 5.77
N SER B 27 15.97 -2.52 4.66
CA SER B 27 14.85 -1.58 4.64
C SER B 27 14.20 -1.64 3.26
N TYR B 28 12.99 -1.15 3.17
CA TYR B 28 12.30 -1.14 1.88
C TYR B 28 11.21 -0.07 1.93
N GLY B 29 10.93 0.50 0.77
CA GLY B 29 9.75 1.35 0.58
C GLY B 29 9.28 1.30 -0.85
N LEU B 30 8.44 2.23 -1.25
CA LEU B 30 7.94 2.21 -2.62
C LEU B 30 8.97 2.79 -3.59
N ALA B 31 9.06 2.19 -4.78
CA ALA B 31 9.92 2.78 -5.82
C ALA B 31 9.28 4.04 -6.41
N ASP B 32 7.95 4.02 -6.59
N ASP B 32 7.95 4.05 -6.55
CA ASP B 32 7.18 5.18 -7.06
CA ASP B 32 7.20 5.20 -7.07
C ASP B 32 6.23 5.58 -5.94
C ASP B 32 6.21 5.61 -6.00
N SER B 33 6.48 6.73 -5.31
CA SER B 33 5.69 7.13 -4.15
C SER B 33 4.21 7.33 -4.46
N ASP B 34 3.83 7.43 -5.73
CA ASP B 34 2.44 7.58 -6.10
C ASP B 34 1.90 6.37 -6.87
N ASP B 35 2.51 5.18 -6.71
CA ASP B 35 1.99 3.97 -7.32
C ASP B 35 0.90 3.42 -6.42
N ILE B 36 -0.37 3.71 -6.77
CA ILE B 36 -1.48 3.29 -5.92
CA ILE B 36 -1.49 3.30 -5.92
C ILE B 36 -1.56 1.78 -5.82
N THR B 37 -1.14 1.06 -6.87
CA THR B 37 -1.13 -0.40 -6.86
C THR B 37 0.01 -0.96 -5.99
N MET B 38 1.02 -0.16 -5.68
CA MET B 38 2.10 -0.58 -4.80
C MET B 38 2.78 -1.84 -5.34
N THR B 39 3.01 -1.87 -6.66
CA THR B 39 3.63 -3.02 -7.31
C THR B 39 5.15 -3.02 -7.13
N LYS B 40 5.78 -1.88 -7.41
CA LYS B 40 7.23 -1.78 -7.49
CA LYS B 40 7.23 -1.78 -7.49
C LYS B 40 7.78 -1.22 -6.19
N TRP B 41 8.57 -2.02 -5.50
CA TRP B 41 9.20 -1.59 -4.26
C TRP B 41 10.71 -1.51 -4.43
N ASN B 42 11.34 -0.79 -3.51
CA ASN B 42 12.78 -0.63 -3.51
C ASN B 42 13.33 -1.02 -2.16
N GLY B 43 14.33 -1.88 -2.16
CA GLY B 43 14.89 -2.35 -0.91
C GLY B 43 16.37 -2.03 -0.79
N THR B 44 16.87 -2.04 0.43
CA THR B 44 18.29 -1.81 0.71
C THR B 44 18.74 -2.88 1.68
N ILE B 45 19.84 -3.56 1.35
CA ILE B 45 20.52 -4.48 2.24
C ILE B 45 21.88 -3.88 2.59
N LEU B 46 22.17 -3.74 3.87
CA LEU B 46 23.52 -3.41 4.32
C LEU B 46 24.39 -4.69 4.31
N GLY B 47 25.50 -4.63 3.60
CA GLY B 47 26.41 -5.76 3.54
C GLY B 47 26.83 -6.23 4.91
N PRO B 48 26.95 -7.54 5.10
CA PRO B 48 27.33 -8.04 6.42
C PRO B 48 28.79 -7.75 6.72
N PRO B 49 29.15 -7.60 7.99
CA PRO B 49 30.51 -7.20 8.33
C PRO B 49 31.47 -8.36 8.11
N HIS B 50 32.77 -8.06 8.24
CA HIS B 50 33.82 -9.08 8.17
C HIS B 50 33.67 -9.91 6.90
N SER B 51 33.54 -9.22 5.78
CA SER B 51 33.26 -9.86 4.52
C SER B 51 33.60 -8.86 3.44
N ASN B 52 33.60 -9.32 2.19
CA ASN B 52 33.77 -8.37 1.11
C ASN B 52 32.51 -7.56 0.82
N HIS B 53 31.45 -7.76 1.58
CA HIS B 53 30.27 -6.90 1.59
C HIS B 53 30.31 -5.81 2.66
N GLU B 54 31.29 -5.82 3.54
CA GLU B 54 31.28 -4.91 4.68
C GLU B 54 31.27 -3.45 4.20
N ASN B 55 30.46 -2.64 4.86
CA ASN B 55 30.37 -1.20 4.56
C ASN B 55 29.87 -0.95 3.16
N ARG B 56 29.26 -1.93 2.52
CA ARG B 56 28.59 -1.72 1.23
C ARG B 56 27.09 -1.77 1.44
N ILE B 57 26.36 -1.14 0.52
CA ILE B 57 24.90 -1.25 0.53
C ILE B 57 24.49 -1.77 -0.83
N TYR B 58 23.38 -2.49 -0.84
CA TYR B 58 22.85 -3.06 -2.07
C TYR B 58 21.40 -2.61 -2.23
N SER B 59 21.10 -2.00 -3.39
CA SER B 59 19.75 -1.59 -3.71
C SER B 59 19.14 -2.65 -4.63
N LEU B 60 17.85 -2.91 -4.41
CA LEU B 60 17.09 -3.93 -5.12
C LEU B 60 15.70 -3.42 -5.47
N SER B 61 15.16 -3.95 -6.57
CA SER B 61 13.76 -3.77 -6.93
CA SER B 61 13.76 -3.77 -6.93
C SER B 61 13.00 -5.04 -6.61
N ILE B 62 11.80 -4.87 -6.05
CA ILE B 62 10.94 -5.97 -5.66
C ILE B 62 9.59 -5.70 -6.27
N ASP B 63 9.13 -6.60 -7.12
CA ASP B 63 7.88 -6.42 -7.86
CA ASP B 63 7.89 -6.42 -7.85
C ASP B 63 6.84 -7.33 -7.22
N CYS B 64 5.84 -6.73 -6.59
CA CYS B 64 4.79 -7.47 -5.91
C CYS B 64 3.60 -7.51 -6.87
N GLY B 65 3.44 -8.64 -7.53
CA GLY B 65 2.46 -8.77 -8.57
C GLY B 65 1.06 -8.98 -8.01
N PRO B 66 0.12 -9.23 -8.90
CA PRO B 66 -1.28 -9.29 -8.49
C PRO B 66 -1.60 -10.42 -7.53
N ASN B 67 -0.84 -11.50 -7.49
CA ASN B 67 -1.13 -12.60 -6.59
CA ASN B 67 -1.13 -12.60 -6.59
C ASN B 67 -0.25 -12.59 -5.35
N TYR B 68 0.50 -11.52 -5.13
CA TYR B 68 1.26 -11.39 -3.89
C TYR B 68 0.29 -11.21 -2.73
N PRO B 69 0.56 -11.80 -1.56
CA PRO B 69 1.70 -12.64 -1.16
C PRO B 69 1.48 -14.14 -1.29
N ASP B 70 0.39 -14.56 -1.94
CA ASP B 70 0.24 -16.00 -2.21
C ASP B 70 1.34 -16.48 -3.14
N SER B 71 1.73 -15.66 -4.13
CA SER B 71 2.89 -15.89 -4.97
C SER B 71 4.05 -14.98 -4.54
N PRO B 72 5.29 -15.43 -4.74
CA PRO B 72 6.44 -14.63 -4.32
C PRO B 72 6.57 -13.39 -5.18
N PRO B 73 7.19 -12.36 -4.67
CA PRO B 73 7.57 -11.24 -5.53
C PRO B 73 8.71 -11.63 -6.45
N LYS B 74 8.94 -10.78 -7.43
CA LYS B 74 10.11 -10.88 -8.30
C LYS B 74 11.15 -9.89 -7.80
N VAL B 75 12.39 -10.34 -7.64
CA VAL B 75 13.44 -9.56 -7.01
C VAL B 75 14.62 -9.41 -7.94
N THR B 76 15.02 -8.16 -8.19
CA THR B 76 16.16 -7.86 -9.06
C THR B 76 17.08 -6.89 -8.36
N PHE B 77 18.35 -7.26 -8.20
CA PHE B 77 19.33 -6.31 -7.69
C PHE B 77 19.53 -5.17 -8.66
N ILE B 78 19.72 -3.99 -8.11
CA ILE B 78 20.11 -2.82 -8.87
C ILE B 78 21.62 -2.71 -8.74
N SER B 79 22.08 -2.63 -7.51
CA SER B 79 23.51 -2.66 -7.22
C SER B 79 24.10 -3.97 -7.71
N LYS B 80 25.22 -3.89 -8.41
CA LYS B 80 25.88 -5.10 -8.87
CA LYS B 80 25.88 -5.10 -8.87
C LYS B 80 26.42 -5.86 -7.67
N ILE B 81 26.34 -7.19 -7.74
CA ILE B 81 26.81 -8.04 -6.67
C ILE B 81 27.26 -9.36 -7.28
N ASN B 82 28.23 -10.01 -6.63
CA ASN B 82 28.64 -11.38 -6.98
C ASN B 82 28.10 -12.30 -5.89
N LEU B 83 27.03 -13.03 -6.22
CA LEU B 83 26.27 -13.84 -5.26
C LEU B 83 25.60 -14.93 -6.08
N PRO B 84 25.74 -16.20 -5.70
CA PRO B 84 25.30 -17.27 -6.64
C PRO B 84 23.84 -17.27 -7.01
N CYS B 85 22.94 -16.81 -6.13
CA CYS B 85 21.53 -16.76 -6.46
C CYS B 85 21.15 -15.53 -7.28
N VAL B 86 22.10 -14.69 -7.64
CA VAL B 86 21.83 -13.47 -8.40
C VAL B 86 22.37 -13.68 -9.80
N ASN B 87 21.47 -13.63 -10.75
CA ASN B 87 21.87 -13.79 -12.14
C ASN B 87 22.88 -12.70 -12.51
N PRO B 88 24.06 -13.05 -13.03
CA PRO B 88 25.13 -12.05 -13.16
C PRO B 88 24.98 -11.09 -14.32
N THR B 89 24.08 -11.34 -15.27
CA THR B 89 23.81 -10.31 -16.29
C THR B 89 22.52 -9.51 -16.04
N THR B 90 21.49 -10.09 -15.44
CA THR B 90 20.24 -9.37 -15.21
C THR B 90 20.05 -8.91 -13.78
N GLY B 91 20.82 -9.43 -12.84
CA GLY B 91 20.58 -9.10 -11.44
C GLY B 91 19.37 -9.75 -10.80
N GLU B 92 18.60 -10.53 -11.56
CA GLU B 92 17.45 -11.23 -10.99
C GLU B 92 17.86 -12.30 -9.99
N VAL B 93 17.13 -12.36 -8.87
CA VAL B 93 17.30 -13.46 -7.95
C VAL B 93 16.62 -14.68 -8.52
N GLN B 94 17.37 -15.76 -8.62
CA GLN B 94 16.88 -16.97 -9.25
C GLN B 94 15.76 -17.58 -8.41
N THR B 95 14.78 -18.15 -9.09
CA THR B 95 13.60 -18.66 -8.41
C THR B 95 13.86 -19.95 -7.66
N ASP B 96 15.03 -20.56 -7.82
CA ASP B 96 15.36 -21.67 -6.96
C ASP B 96 15.96 -21.24 -5.62
N PHE B 97 16.24 -19.94 -5.43
CA PHE B 97 16.62 -19.44 -4.11
C PHE B 97 15.56 -19.84 -3.10
N HIS B 98 15.97 -20.27 -1.90
CA HIS B 98 15.02 -21.02 -1.06
C HIS B 98 13.82 -20.17 -0.69
N THR B 99 14.02 -18.90 -0.35
CA THR B 99 12.89 -18.11 0.11
C THR B 99 11.82 -18.00 -0.96
N LEU B 100 12.22 -17.93 -2.22
CA LEU B 100 11.28 -17.84 -3.33
C LEU B 100 10.74 -19.22 -3.71
N ARG B 101 11.64 -20.20 -3.78
CA ARG B 101 11.26 -21.56 -4.13
C ARG B 101 10.21 -22.12 -3.17
N ASP B 102 10.40 -21.89 -1.87
CA ASP B 102 9.54 -22.35 -0.80
C ASP B 102 8.69 -21.22 -0.23
N TRP B 103 8.38 -20.21 -1.07
CA TRP B 103 7.66 -19.04 -0.60
C TRP B 103 6.35 -19.45 0.06
N LYS B 104 6.07 -18.87 1.22
CA LYS B 104 4.79 -19.02 1.92
C LYS B 104 4.13 -17.67 2.09
N ARG B 105 2.80 -17.67 2.18
CA ARG B 105 2.06 -16.41 2.23
C ARG B 105 2.50 -15.56 3.41
N ALA B 106 2.92 -16.21 4.48
CA ALA B 106 3.33 -15.47 5.68
C ALA B 106 4.58 -14.65 5.44
N TYR B 107 5.39 -15.03 4.45
CA TYR B 107 6.62 -14.31 4.16
C TYR B 107 6.31 -12.89 3.70
N THR B 108 7.20 -11.97 4.04
CA THR B 108 7.13 -10.59 3.64
C THR B 108 8.39 -10.21 2.91
N MET B 109 8.41 -8.99 2.38
CA MET B 109 9.63 -8.49 1.76
C MET B 109 10.75 -8.41 2.78
N GLU B 110 10.41 -8.18 4.05
CA GLU B 110 11.39 -8.22 5.12
C GLU B 110 12.05 -9.60 5.19
N THR B 111 11.23 -10.65 5.18
CA THR B 111 11.75 -12.01 5.19
C THR B 111 12.76 -12.20 4.08
N LEU B 112 12.42 -11.69 2.91
CA LEU B 112 13.21 -11.93 1.73
C LEU B 112 14.54 -11.20 1.80
N LEU B 113 14.51 -9.96 2.26
CA LEU B 113 15.74 -9.19 2.37
C LEU B 113 16.65 -9.76 3.44
N LEU B 114 16.08 -10.19 4.56
CA LEU B 114 16.89 -10.80 5.61
C LEU B 114 17.53 -12.10 5.15
N ASP B 115 16.78 -12.91 4.40
CA ASP B 115 17.37 -14.14 3.89
C ASP B 115 18.46 -13.87 2.86
N LEU B 116 18.30 -12.84 2.04
CA LEU B 116 19.36 -12.49 1.09
C LEU B 116 20.60 -12.03 1.83
N ARG B 117 20.43 -11.23 2.87
CA ARG B 117 21.59 -10.78 3.60
C ARG B 117 22.29 -11.97 4.25
N LYS B 118 21.51 -12.92 4.76
N LYS B 118 21.50 -12.91 4.77
CA LYS B 118 22.13 -14.11 5.35
CA LYS B 118 22.09 -14.12 5.34
C LYS B 118 22.92 -14.87 4.30
C LYS B 118 22.90 -14.88 4.30
N GLU B 119 22.37 -14.97 3.09
CA GLU B 119 23.10 -15.64 2.02
C GLU B 119 24.43 -14.95 1.75
N MET B 120 24.47 -13.62 1.84
CA MET B 120 25.70 -12.88 1.64
C MET B 120 26.77 -13.24 2.68
N ALA B 121 26.36 -13.70 3.86
CA ALA B 121 27.27 -13.84 4.99
C ALA B 121 27.76 -15.28 5.19
N THR B 122 27.44 -16.20 4.30
CA THR B 122 27.92 -17.58 4.45
C THR B 122 29.40 -17.65 4.20
N PRO B 123 30.07 -18.68 4.74
CA PRO B 123 31.52 -18.75 4.56
C PRO B 123 31.91 -18.76 3.09
N ALA B 124 31.17 -19.44 2.24
CA ALA B 124 31.54 -19.49 0.84
C ALA B 124 31.28 -18.17 0.12
N ASN B 125 30.29 -17.40 0.55
CA ASN B 125 29.96 -16.20 -0.24
C ASN B 125 30.69 -14.97 0.23
N LYS B 126 31.08 -14.93 1.48
CA LYS B 126 31.63 -13.69 2.02
C LYS B 126 32.99 -13.36 1.44
N LYS B 127 33.65 -14.32 0.80
CA LYS B 127 34.98 -14.16 0.23
C LYS B 127 34.95 -13.96 -1.27
N LEU B 128 33.77 -14.00 -1.91
CA LEU B 128 33.74 -13.71 -3.34
C LEU B 128 34.18 -12.29 -3.59
N ARG B 129 34.90 -12.09 -4.69
N ARG B 129 34.93 -12.06 -4.66
CA ARG B 129 35.22 -10.75 -5.16
CA ARG B 129 35.30 -10.70 -4.97
C ARG B 129 33.97 -9.99 -5.54
C ARG B 129 34.11 -9.96 -5.58
N GLN B 130 33.91 -8.72 -5.13
CA GLN B 130 32.77 -7.90 -5.48
C GLN B 130 33.12 -6.81 -6.48
N PRO B 131 32.16 -6.40 -7.31
CA PRO B 131 32.39 -5.27 -8.20
C PRO B 131 32.47 -3.96 -7.42
N LYS B 132 32.96 -2.96 -8.13
CA LYS B 132 33.09 -1.63 -7.55
C LYS B 132 31.74 -1.10 -7.11
N GLU B 133 31.70 -0.55 -5.90
CA GLU B 133 30.55 0.21 -5.42
C GLU B 133 30.14 1.24 -6.45
N GLY B 134 28.84 1.37 -6.63
CA GLY B 134 28.28 2.26 -7.62
C GLY B 134 27.93 1.58 -8.92
N GLU B 135 28.49 0.42 -9.19
CA GLU B 135 28.14 -0.30 -10.42
C GLU B 135 26.74 -0.88 -10.28
N THR B 136 25.97 -0.84 -11.35
CA THR B 136 24.64 -1.42 -11.36
C THR B 136 24.50 -2.39 -12.52
N PHE B 137 23.56 -3.31 -12.39
CA PHE B 137 23.27 -4.27 -13.43
C PHE B 137 22.65 -3.57 -14.64
#